data_1LU2
#
_entry.id   1LU2
#
_cell.length_a   96.730
_cell.length_b   108.000
_cell.length_c   80.960
_cell.angle_alpha   90.00
_cell.angle_beta   124.67
_cell.angle_gamma   90.00
#
_symmetry.space_group_name_H-M   'C 1 2 1'
#
loop_
_entity.id
_entity.type
_entity.pdbx_description
1 polymer LECTIN
2 non-polymer 2-acetamido-2-deoxy-alpha-D-galactopyranose
3 non-polymer 'CALCIUM ION'
4 non-polymer 'MANGANESE (II) ION'
#
_entity_poly.entity_id   1
_entity_poly.type   'polypeptide(L)'
_entity_poly.pdbx_seq_one_letter_code
;ANIQSFSFKNFNSPSFILQGDATVSSGKLQLTKVKENGIPTPSSLGRAFYSSPIQIYDKSTGAVASWATSFTVKISAPSK
ASFADGIAFALVPVGSEPRRNGGYLGVFDSDVYNNSAQTVAVEFDTLSNSGWDPSMKHIGIDVNSIKSIATVSWDLANGE
NAEILITYNAATSLLVASLVHPSRRTSYILSERVDITNELPEYVSVGFSATTGLSEGYIETHDVLSWSFASKLPDDSTAE
PLDLASYLVRNVL
;
_entity_poly.pdbx_strand_id   A,B
#
# COMPACT_ATOMS: atom_id res chain seq x y z
N ALA A 1 -7.70 -10.42 10.58
CA ALA A 1 -7.55 -10.32 9.09
C ALA A 1 -6.67 -9.13 8.68
N ASN A 2 -5.93 -9.31 7.60
CA ASN A 2 -5.07 -8.25 7.10
C ASN A 2 -5.66 -7.71 5.80
N ILE A 3 -5.70 -6.40 5.65
CA ILE A 3 -6.27 -5.82 4.46
C ILE A 3 -5.43 -4.74 3.85
N GLN A 4 -5.33 -4.77 2.54
CA GLN A 4 -4.60 -3.75 1.82
C GLN A 4 -5.47 -3.34 0.62
N SER A 5 -5.46 -2.07 0.30
CA SER A 5 -6.25 -1.62 -0.83
C SER A 5 -5.83 -0.24 -1.26
N PHE A 6 -6.20 0.12 -2.48
CA PHE A 6 -5.90 1.42 -3.02
C PHE A 6 -6.79 1.69 -4.22
N SER A 7 -6.86 2.97 -4.61
CA SER A 7 -7.67 3.37 -5.73
C SER A 7 -7.06 4.65 -6.29
N PHE A 8 -6.55 4.58 -7.51
CA PHE A 8 -5.92 5.74 -8.15
C PHE A 8 -6.65 6.20 -9.39
N LYS A 9 -7.02 7.46 -9.42
CA LYS A 9 -7.67 8.00 -10.59
C LYS A 9 -6.62 8.83 -11.31
N ASN A 10 -5.63 9.28 -10.56
CA ASN A 10 -4.57 10.10 -11.11
C ASN A 10 -3.23 9.41 -10.89
N PHE A 11 -2.29 9.50 -11.83
CA PHE A 11 -1.10 8.71 -11.67
C PHE A 11 0.29 9.10 -11.19
N ASN A 12 0.60 10.38 -11.16
CA ASN A 12 1.90 10.85 -10.67
C ASN A 12 2.35 10.22 -9.33
N SER A 13 3.51 9.55 -9.31
CA SER A 13 4.04 9.01 -8.04
C SER A 13 5.00 7.82 -7.94
N PRO A 14 5.71 7.79 -6.81
CA PRO A 14 6.69 6.81 -6.34
C PRO A 14 5.97 5.60 -5.77
N SER A 15 4.63 5.63 -5.76
CA SER A 15 3.87 4.51 -5.24
C SER A 15 3.91 3.32 -6.19
N PHE A 16 4.52 3.51 -7.35
CA PHE A 16 4.62 2.43 -8.31
C PHE A 16 6.03 2.07 -8.68
N ILE A 17 6.22 0.84 -9.13
CA ILE A 17 7.52 0.35 -9.55
C ILE A 17 7.41 0.18 -11.06
N LEU A 18 8.10 1.02 -11.80
CA LEU A 18 8.05 0.96 -13.25
C LEU A 18 9.26 0.22 -13.79
N GLN A 19 9.05 -0.55 -14.86
CA GLN A 19 10.11 -1.34 -15.50
C GLN A 19 9.92 -1.15 -17.00
N GLY A 20 11.00 -1.32 -17.76
CA GLY A 20 10.91 -1.17 -19.21
C GLY A 20 10.56 0.24 -19.66
N ASP A 21 9.62 0.32 -20.61
CA ASP A 21 9.20 1.60 -21.16
C ASP A 21 7.98 2.20 -20.46
N ALA A 22 7.57 1.58 -19.35
CA ALA A 22 6.42 2.08 -18.61
C ALA A 22 6.76 3.49 -18.14
N THR A 23 5.77 4.38 -18.21
CA THR A 23 5.98 5.75 -17.79
C THR A 23 4.65 6.34 -17.34
N VAL A 24 4.73 7.47 -16.66
CA VAL A 24 3.54 8.16 -16.17
C VAL A 24 3.55 9.54 -16.81
N SER A 25 2.48 9.86 -17.53
CA SER A 25 2.40 11.15 -18.18
C SER A 25 0.95 11.62 -18.25
N SER A 26 0.75 12.87 -17.87
CA SER A 26 -0.59 13.44 -17.87
C SER A 26 -1.44 12.65 -16.90
N GLY A 27 -0.80 12.16 -15.84
CA GLY A 27 -1.52 11.43 -14.83
C GLY A 27 -2.03 10.06 -15.23
N LYS A 28 -1.75 9.63 -16.45
CA LYS A 28 -2.21 8.29 -16.82
C LYS A 28 -1.00 7.38 -16.90
N LEU A 29 -1.24 6.07 -16.76
CA LEU A 29 -0.16 5.10 -16.80
C LEU A 29 0.01 4.55 -18.22
N GLN A 30 1.14 4.88 -18.84
CA GLN A 30 1.46 4.43 -20.20
C GLN A 30 2.44 3.28 -20.15
N LEU A 31 1.94 2.06 -20.31
CA LEU A 31 2.81 0.90 -20.23
C LEU A 31 3.87 0.73 -21.33
N THR A 32 3.58 1.18 -22.55
CA THR A 32 4.56 1.03 -23.64
C THR A 32 4.98 2.36 -24.27
N LYS A 33 6.10 2.33 -24.99
CA LYS A 33 6.63 3.53 -25.64
C LYS A 33 5.71 4.19 -26.65
N VAL A 34 5.83 5.50 -26.75
CA VAL A 34 5.05 6.30 -27.67
C VAL A 34 5.94 7.45 -28.14
N LYS A 35 5.92 7.72 -29.44
CA LYS A 35 6.70 8.81 -30.01
C LYS A 35 6.12 10.13 -29.53
N GLU A 36 6.81 11.22 -29.80
CA GLU A 36 6.32 12.53 -29.39
C GLU A 36 4.96 12.91 -30.03
N ASN A 37 4.77 12.54 -31.30
CA ASN A 37 3.53 12.85 -32.02
C ASN A 37 2.42 11.94 -31.53
N GLY A 38 2.77 11.05 -30.61
CA GLY A 38 1.81 10.14 -30.04
C GLY A 38 1.66 8.75 -30.63
N ILE A 39 2.32 8.43 -31.75
CA ILE A 39 2.15 7.10 -32.31
C ILE A 39 2.94 6.04 -31.53
N PRO A 40 2.37 4.82 -31.41
CA PRO A 40 3.05 3.74 -30.69
C PRO A 40 4.34 3.33 -31.39
N THR A 41 5.16 2.57 -30.68
CA THR A 41 6.45 2.11 -31.17
C THR A 41 6.57 0.59 -31.06
N PRO A 42 7.23 -0.05 -32.03
CA PRO A 42 7.44 -1.51 -32.05
C PRO A 42 8.48 -2.03 -31.05
N SER A 43 8.46 -3.35 -30.81
CA SER A 43 9.42 -3.95 -29.90
C SER A 43 9.45 -3.28 -28.52
N SER A 44 8.30 -2.78 -28.05
CA SER A 44 8.24 -2.14 -26.72
C SER A 44 7.82 -3.11 -25.61
N LEU A 45 8.15 -2.75 -24.37
CA LEU A 45 7.82 -3.56 -23.21
C LEU A 45 7.90 -2.71 -21.93
N GLY A 46 6.80 -2.72 -21.18
CA GLY A 46 6.75 -1.97 -19.94
C GLY A 46 5.93 -2.72 -18.91
N ARG A 47 6.32 -2.62 -17.65
CA ARG A 47 5.58 -3.28 -16.57
C ARG A 47 5.43 -2.23 -15.46
N ALA A 48 4.48 -2.44 -14.56
CA ALA A 48 4.24 -1.47 -13.48
C ALA A 48 3.56 -2.19 -12.32
N PHE A 49 4.12 -2.05 -11.13
CA PHE A 49 3.55 -2.71 -9.96
C PHE A 49 3.39 -1.78 -8.76
N TYR A 50 2.49 -2.14 -7.86
CA TYR A 50 2.26 -1.33 -6.65
C TYR A 50 3.51 -1.55 -5.82
N SER A 51 4.03 -0.48 -5.23
CA SER A 51 5.27 -0.63 -4.47
C SER A 51 5.15 -1.51 -3.24
N SER A 52 3.94 -1.83 -2.80
CA SER A 52 3.83 -2.68 -1.62
C SER A 52 3.40 -4.12 -1.95
N PRO A 53 4.17 -5.11 -1.50
CA PRO A 53 3.85 -6.51 -1.77
C PRO A 53 2.56 -6.92 -1.08
N ILE A 54 1.84 -7.86 -1.66
CA ILE A 54 0.58 -8.34 -1.08
C ILE A 54 0.70 -9.82 -0.74
N GLN A 55 0.14 -10.21 0.40
CA GLN A 55 0.17 -11.61 0.82
C GLN A 55 -1.07 -12.33 0.31
N ILE A 56 -0.85 -13.26 -0.60
CA ILE A 56 -1.91 -14.04 -1.20
C ILE A 56 -2.45 -15.15 -0.30
N TYR A 57 -1.61 -15.62 0.61
CA TYR A 57 -2.00 -16.67 1.53
C TYR A 57 -0.91 -16.85 2.58
N ASP A 58 -1.22 -17.62 3.62
CA ASP A 58 -0.26 -17.86 4.67
C ASP A 58 -0.14 -19.36 4.92
N LYS A 59 1.05 -19.90 4.65
CA LYS A 59 1.32 -21.32 4.83
C LYS A 59 1.07 -21.77 6.28
N SER A 60 1.57 -20.99 7.23
CA SER A 60 1.39 -21.33 8.63
C SER A 60 -0.07 -21.54 9.06
N THR A 61 -0.93 -20.57 8.75
CA THR A 61 -2.35 -20.62 9.15
C THR A 61 -3.35 -21.31 8.21
N GLY A 62 -2.99 -21.43 6.95
CA GLY A 62 -3.90 -22.08 6.00
C GLY A 62 -4.89 -21.08 5.43
N ALA A 63 -4.70 -19.81 5.75
CA ALA A 63 -5.57 -18.76 5.24
C ALA A 63 -5.21 -18.39 3.81
N VAL A 64 -6.23 -18.23 2.98
CA VAL A 64 -6.04 -17.84 1.59
C VAL A 64 -6.86 -16.57 1.40
N ALA A 65 -6.25 -15.56 0.77
CA ALA A 65 -6.89 -14.27 0.56
C ALA A 65 -7.83 -14.22 -0.63
N SER A 66 -8.88 -13.42 -0.49
CA SER A 66 -9.85 -13.18 -1.55
C SER A 66 -9.53 -11.76 -1.95
N TRP A 67 -9.39 -11.50 -3.24
CA TRP A 67 -9.07 -10.15 -3.67
C TRP A 67 -9.87 -9.74 -4.92
N ALA A 68 -9.70 -8.49 -5.32
CA ALA A 68 -10.41 -7.98 -6.47
C ALA A 68 -9.76 -6.70 -6.98
N THR A 69 -9.79 -6.53 -8.29
CA THR A 69 -9.21 -5.37 -8.95
C THR A 69 -10.11 -4.89 -10.11
N SER A 70 -9.98 -3.61 -10.46
CA SER A 70 -10.75 -3.03 -11.55
C SER A 70 -9.92 -1.88 -12.12
N PHE A 71 -9.89 -1.77 -13.44
CA PHE A 71 -9.14 -0.71 -14.05
C PHE A 71 -9.72 -0.41 -15.42
N THR A 72 -9.41 0.77 -15.93
CA THR A 72 -9.89 1.19 -17.24
C THR A 72 -8.68 1.37 -18.16
N VAL A 73 -8.68 0.62 -19.26
CA VAL A 73 -7.61 0.66 -20.26
C VAL A 73 -8.11 1.24 -21.57
N LYS A 74 -7.20 1.87 -22.32
CA LYS A 74 -7.55 2.44 -23.59
C LYS A 74 -6.49 2.02 -24.59
N ILE A 75 -6.85 1.05 -25.45
CA ILE A 75 -5.95 0.52 -26.46
C ILE A 75 -6.27 1.12 -27.83
N SER A 76 -5.28 1.77 -28.44
CA SER A 76 -5.48 2.40 -29.75
C SER A 76 -4.44 2.01 -30.76
N ALA A 77 -4.87 1.76 -31.99
CA ALA A 77 -3.93 1.39 -33.03
C ALA A 77 -3.99 2.45 -34.12
N PRO A 78 -2.82 2.85 -34.64
CA PRO A 78 -2.76 3.85 -35.70
C PRO A 78 -3.55 3.44 -36.94
N SER A 79 -4.17 4.43 -37.57
CA SER A 79 -4.99 4.27 -38.76
C SER A 79 -5.01 2.90 -39.42
N LYS A 80 -4.04 2.65 -40.29
CA LYS A 80 -3.98 1.39 -41.02
C LYS A 80 -3.17 0.27 -40.37
N ALA A 81 -2.74 0.46 -39.11
CA ALA A 81 -1.94 -0.55 -38.43
C ALA A 81 -2.75 -1.65 -37.73
N SER A 82 -2.12 -2.81 -37.59
CA SER A 82 -2.73 -3.96 -36.96
C SER A 82 -2.49 -3.92 -35.46
N PHE A 83 -3.28 -4.67 -34.70
CA PHE A 83 -3.12 -4.72 -33.23
C PHE A 83 -2.03 -5.72 -32.83
N ALA A 84 -1.40 -5.45 -31.70
CA ALA A 84 -0.35 -6.31 -31.13
C ALA A 84 0.37 -5.49 -30.06
N ASP A 85 0.79 -6.12 -28.96
CA ASP A 85 0.59 -7.54 -28.72
C ASP A 85 -0.43 -7.83 -27.61
N GLY A 86 -0.68 -6.84 -26.76
CA GLY A 86 -1.64 -6.98 -25.68
C GLY A 86 -1.20 -6.53 -24.30
N ILE A 87 -2.14 -6.56 -23.36
CA ILE A 87 -1.88 -6.18 -21.98
C ILE A 87 -2.35 -7.27 -21.01
N ALA A 88 -1.67 -7.39 -19.88
CA ALA A 88 -2.03 -8.41 -18.90
C ALA A 88 -1.94 -7.94 -17.48
N PHE A 89 -2.92 -8.34 -16.67
CA PHE A 89 -2.90 -8.00 -15.26
C PHE A 89 -2.15 -9.19 -14.67
N ALA A 90 -1.09 -8.95 -13.90
CA ALA A 90 -0.36 -10.09 -13.36
C ALA A 90 0.02 -10.04 -11.90
N LEU A 91 0.21 -11.24 -11.36
CA LEU A 91 0.63 -11.49 -9.99
C LEU A 91 1.99 -12.18 -10.13
N VAL A 92 3.08 -11.44 -9.91
CA VAL A 92 4.42 -12.00 -10.06
C VAL A 92 5.22 -12.01 -8.77
N PRO A 93 6.33 -12.78 -8.73
CA PRO A 93 7.16 -12.85 -7.53
C PRO A 93 7.72 -11.45 -7.28
N VAL A 94 7.87 -11.11 -6.00
CA VAL A 94 8.32 -9.78 -5.60
C VAL A 94 9.52 -9.14 -6.33
N GLY A 95 10.64 -9.83 -6.46
CA GLY A 95 11.77 -9.20 -7.14
C GLY A 95 11.76 -9.29 -8.67
N SER A 96 10.86 -10.10 -9.22
CA SER A 96 10.70 -10.36 -10.67
C SER A 96 11.13 -9.29 -11.68
N GLU A 97 11.76 -9.74 -12.76
CA GLU A 97 12.21 -8.87 -13.85
C GLU A 97 11.42 -9.22 -15.14
N PRO A 98 11.32 -8.27 -16.09
CA PRO A 98 10.55 -8.60 -17.31
C PRO A 98 11.01 -9.90 -17.92
N ARG A 99 10.17 -10.48 -18.78
CA ARG A 99 10.55 -11.73 -19.41
C ARG A 99 10.48 -11.52 -20.92
N ARG A 100 10.05 -12.54 -21.67
CA ARG A 100 9.97 -12.46 -23.13
C ARG A 100 9.01 -11.39 -23.67
N ASN A 101 9.48 -10.60 -24.64
CA ASN A 101 8.65 -9.53 -25.24
C ASN A 101 7.73 -10.08 -26.34
N GLY A 102 7.11 -9.17 -27.08
CA GLY A 102 6.21 -9.57 -28.15
C GLY A 102 4.97 -10.30 -27.68
N GLY A 103 4.75 -11.50 -28.22
CA GLY A 103 3.59 -12.30 -27.87
C GLY A 103 3.64 -12.95 -26.50
N TYR A 104 4.71 -12.70 -25.75
CA TYR A 104 4.84 -13.25 -24.41
C TYR A 104 4.49 -12.22 -23.36
N LEU A 105 4.02 -11.07 -23.84
CA LEU A 105 3.57 -9.96 -23.00
C LEU A 105 4.51 -9.53 -21.86
N GLY A 106 5.75 -9.99 -21.89
CA GLY A 106 6.70 -9.61 -20.86
C GLY A 106 6.50 -10.26 -19.50
N VAL A 107 5.79 -11.39 -19.49
CA VAL A 107 5.52 -12.08 -18.22
C VAL A 107 5.88 -13.57 -18.22
N PHE A 108 5.94 -14.18 -19.40
CA PHE A 108 6.26 -15.61 -19.53
C PHE A 108 7.38 -15.91 -20.52
N ASP A 109 7.99 -17.07 -20.36
CA ASP A 109 9.10 -17.48 -21.23
C ASP A 109 8.75 -18.55 -22.26
N SER A 110 7.72 -19.35 -22.00
CA SER A 110 7.33 -20.40 -22.94
C SER A 110 5.83 -20.67 -22.88
N ASP A 111 5.37 -21.58 -23.74
CA ASP A 111 3.97 -21.94 -23.78
C ASP A 111 3.76 -23.30 -23.13
N VAL A 112 4.74 -23.72 -22.34
CA VAL A 112 4.65 -24.99 -21.65
C VAL A 112 4.59 -24.71 -20.16
N TYR A 113 3.76 -25.46 -19.46
CA TYR A 113 3.61 -25.25 -18.02
C TYR A 113 4.94 -25.41 -17.31
N ASN A 114 5.27 -24.43 -16.49
CA ASN A 114 6.51 -24.39 -15.71
C ASN A 114 6.23 -23.77 -14.34
N ASN A 115 5.77 -24.60 -13.41
CA ASN A 115 5.44 -24.19 -12.05
C ASN A 115 6.41 -23.19 -11.42
N SER A 116 7.69 -23.33 -11.75
CA SER A 116 8.72 -22.45 -11.19
C SER A 116 8.65 -20.99 -11.67
N ALA A 117 7.80 -20.70 -12.65
CA ALA A 117 7.66 -19.33 -13.16
C ALA A 117 6.91 -18.52 -12.11
N GLN A 118 6.12 -19.22 -11.30
CA GLN A 118 5.32 -18.63 -10.23
C GLN A 118 4.63 -17.35 -10.68
N THR A 119 3.87 -17.44 -11.75
CA THR A 119 3.18 -16.29 -12.28
C THR A 119 1.79 -16.67 -12.79
N VAL A 120 0.82 -15.83 -12.46
CA VAL A 120 -0.58 -16.02 -12.90
C VAL A 120 -0.99 -14.67 -13.51
N ALA A 121 -1.61 -14.71 -14.68
CA ALA A 121 -2.00 -13.46 -15.32
C ALA A 121 -3.30 -13.55 -16.04
N VAL A 122 -4.02 -12.43 -16.11
CA VAL A 122 -5.27 -12.37 -16.85
C VAL A 122 -4.82 -11.49 -18.01
N GLU A 123 -4.90 -12.06 -19.22
CA GLU A 123 -4.45 -11.35 -20.42
C GLU A 123 -5.57 -10.93 -21.33
N PHE A 124 -5.29 -9.86 -22.05
CA PHE A 124 -6.19 -9.28 -23.03
C PHE A 124 -5.33 -9.22 -24.29
N ASP A 125 -5.22 -10.38 -24.91
CA ASP A 125 -4.44 -10.67 -26.11
C ASP A 125 -5.04 -10.07 -27.38
N THR A 126 -4.32 -9.14 -28.01
CA THR A 126 -4.82 -8.49 -29.24
C THR A 126 -4.21 -9.01 -30.56
N LEU A 127 -3.47 -10.11 -30.48
CA LEU A 127 -2.86 -10.73 -31.66
C LEU A 127 -2.75 -12.24 -31.43
N SER A 128 -3.34 -12.99 -32.35
CA SER A 128 -3.31 -14.44 -32.27
C SER A 128 -1.98 -15.08 -32.71
N ASN A 129 -1.28 -15.72 -31.77
CA ASN A 129 -0.03 -16.39 -32.06
C ASN A 129 -0.34 -17.84 -32.37
N SER A 130 -0.24 -18.18 -33.64
CA SER A 130 -0.53 -19.53 -34.13
C SER A 130 -0.03 -20.70 -33.25
N GLY A 131 1.11 -20.53 -32.59
CA GLY A 131 1.62 -21.60 -31.74
C GLY A 131 0.77 -21.99 -30.55
N TRP A 132 0.03 -21.04 -29.96
CA TRP A 132 -0.76 -21.32 -28.77
C TRP A 132 -2.09 -20.55 -28.63
N ASP A 133 -2.29 -19.54 -29.47
CA ASP A 133 -3.49 -18.70 -29.38
C ASP A 133 -4.69 -19.20 -30.17
N PRO A 134 -5.90 -18.81 -29.73
CA PRO A 134 -7.13 -19.21 -30.41
C PRO A 134 -7.16 -18.29 -31.64
N SER A 135 -8.05 -18.54 -32.58
CA SER A 135 -8.12 -17.75 -33.81
C SER A 135 -8.49 -16.28 -33.68
N MET A 136 -9.10 -15.93 -32.56
CA MET A 136 -9.57 -14.58 -32.34
C MET A 136 -8.79 -13.74 -31.32
N LYS A 137 -9.30 -12.53 -31.07
CA LYS A 137 -8.73 -11.63 -30.07
C LYS A 137 -9.48 -12.15 -28.86
N HIS A 138 -8.80 -12.38 -27.77
CA HIS A 138 -9.48 -12.95 -26.62
C HIS A 138 -9.03 -12.39 -25.28
N ILE A 139 -9.66 -12.93 -24.24
CA ILE A 139 -9.36 -12.61 -22.87
C ILE A 139 -9.00 -13.99 -22.37
N GLY A 140 -7.98 -14.12 -21.55
CA GLY A 140 -7.62 -15.44 -21.09
C GLY A 140 -6.95 -15.44 -19.75
N ILE A 141 -7.05 -16.59 -19.08
CA ILE A 141 -6.45 -16.84 -17.77
C ILE A 141 -5.18 -17.67 -17.96
N ASP A 142 -4.01 -17.08 -17.77
CA ASP A 142 -2.74 -17.79 -17.93
C ASP A 142 -2.13 -18.21 -16.60
N VAL A 143 -1.88 -19.51 -16.45
CA VAL A 143 -1.29 -20.05 -15.21
C VAL A 143 0.08 -20.70 -15.47
N ASN A 144 1.14 -19.92 -15.24
CA ASN A 144 2.53 -20.37 -15.43
C ASN A 144 2.88 -20.78 -16.85
N SER A 145 2.27 -20.09 -17.83
CA SER A 145 2.52 -20.34 -19.25
C SER A 145 1.75 -19.29 -20.07
N ILE A 146 2.18 -19.04 -21.31
CA ILE A 146 1.52 -18.07 -22.16
C ILE A 146 0.30 -18.69 -22.84
N LYS A 147 0.13 -19.99 -22.66
CA LYS A 147 -1.01 -20.73 -23.22
C LYS A 147 -2.11 -20.75 -22.16
N SER A 148 -3.12 -19.88 -22.34
CA SER A 148 -4.23 -19.79 -21.39
C SER A 148 -4.89 -21.13 -21.15
N ILE A 149 -5.47 -21.31 -19.98
CA ILE A 149 -6.16 -22.55 -19.63
C ILE A 149 -7.63 -22.36 -19.91
N ALA A 150 -8.00 -21.15 -20.32
CA ALA A 150 -9.38 -20.80 -20.66
C ALA A 150 -9.39 -19.44 -21.33
N THR A 151 -10.24 -19.29 -22.35
CA THR A 151 -10.33 -18.03 -23.07
C THR A 151 -11.76 -17.74 -23.52
N VAL A 152 -11.96 -16.51 -23.98
CA VAL A 152 -13.25 -16.06 -24.47
C VAL A 152 -12.97 -15.02 -25.56
N SER A 153 -13.72 -15.09 -26.66
CA SER A 153 -13.52 -14.13 -27.74
C SER A 153 -13.80 -12.74 -27.21
N TRP A 154 -13.20 -11.74 -27.84
CA TRP A 154 -13.36 -10.36 -27.42
C TRP A 154 -13.28 -9.42 -28.62
N ASP A 155 -14.28 -8.58 -28.78
CA ASP A 155 -14.33 -7.64 -29.89
C ASP A 155 -13.77 -6.28 -29.46
N LEU A 156 -12.47 -6.13 -29.60
CA LEU A 156 -11.79 -4.90 -29.21
C LEU A 156 -12.25 -3.64 -29.95
N ALA A 157 -12.91 -2.75 -29.24
CA ALA A 157 -13.38 -1.49 -29.81
C ALA A 157 -12.20 -0.52 -29.85
N ASN A 158 -11.58 -0.33 -31.02
CA ASN A 158 -10.41 0.54 -31.14
C ASN A 158 -10.56 1.96 -30.60
N GLY A 159 -9.69 2.31 -29.64
CA GLY A 159 -9.71 3.64 -29.04
C GLY A 159 -10.75 3.90 -27.97
N GLU A 160 -11.75 3.00 -27.86
CA GLU A 160 -12.80 3.16 -26.86
C GLU A 160 -12.34 2.60 -25.52
N ASN A 161 -12.92 3.09 -24.44
CA ASN A 161 -12.55 2.64 -23.09
C ASN A 161 -13.02 1.22 -22.76
N ALA A 162 -12.23 0.56 -21.93
CA ALA A 162 -12.53 -0.78 -21.49
C ALA A 162 -12.50 -0.81 -19.98
N GLU A 163 -13.59 -1.30 -19.39
CA GLU A 163 -13.70 -1.40 -17.95
C GLU A 163 -13.57 -2.88 -17.56
N ILE A 164 -12.48 -3.21 -16.88
CA ILE A 164 -12.20 -4.57 -16.46
C ILE A 164 -12.36 -4.76 -14.93
N LEU A 165 -12.87 -5.91 -14.53
CA LEU A 165 -13.06 -6.25 -13.11
C LEU A 165 -12.68 -7.72 -12.96
N ILE A 166 -11.68 -7.99 -12.12
CA ILE A 166 -11.20 -9.36 -11.88
C ILE A 166 -11.35 -9.67 -10.40
N THR A 167 -11.78 -10.87 -10.06
CA THR A 167 -11.95 -11.22 -8.66
C THR A 167 -11.51 -12.64 -8.42
N TYR A 168 -11.07 -12.91 -7.21
CA TYR A 168 -10.67 -14.25 -6.83
C TYR A 168 -11.34 -14.53 -5.49
N ASN A 169 -12.22 -15.52 -5.47
CA ASN A 169 -12.95 -15.90 -4.26
C ASN A 169 -12.29 -17.15 -3.69
N ALA A 170 -11.65 -17.01 -2.54
CA ALA A 170 -10.96 -18.14 -1.91
C ALA A 170 -11.89 -19.27 -1.52
N ALA A 171 -13.13 -18.92 -1.19
CA ALA A 171 -14.12 -19.90 -0.77
C ALA A 171 -14.41 -20.94 -1.87
N THR A 172 -14.45 -20.50 -3.12
CA THR A 172 -14.73 -21.40 -4.23
C THR A 172 -13.53 -21.59 -5.15
N SER A 173 -12.39 -20.98 -4.79
CA SER A 173 -11.17 -21.07 -5.60
C SER A 173 -11.42 -20.62 -7.03
N LEU A 174 -12.39 -19.74 -7.22
CA LEU A 174 -12.74 -19.27 -8.56
C LEU A 174 -12.22 -17.91 -8.96
N LEU A 175 -11.64 -17.84 -10.15
CA LEU A 175 -11.13 -16.60 -10.69
C LEU A 175 -12.10 -16.18 -11.79
N VAL A 176 -12.64 -14.97 -11.69
CA VAL A 176 -13.58 -14.47 -12.70
C VAL A 176 -13.10 -13.14 -13.20
N ALA A 177 -13.14 -12.97 -14.52
CA ALA A 177 -12.73 -11.70 -15.12
C ALA A 177 -13.84 -11.28 -16.07
N SER A 178 -14.14 -9.99 -16.13
CA SER A 178 -15.19 -9.50 -17.01
C SER A 178 -14.72 -8.19 -17.63
N LEU A 179 -15.23 -7.90 -18.83
CA LEU A 179 -14.85 -6.68 -19.53
C LEU A 179 -16.10 -6.02 -20.10
N VAL A 180 -16.10 -4.69 -20.15
CA VAL A 180 -17.24 -3.96 -20.67
C VAL A 180 -16.82 -2.74 -21.49
N HIS A 181 -17.40 -2.62 -22.69
CA HIS A 181 -17.12 -1.49 -23.57
C HIS A 181 -18.39 -0.64 -23.50
N PRO A 182 -18.46 0.28 -22.53
CA PRO A 182 -19.63 1.16 -22.32
C PRO A 182 -20.14 1.77 -23.62
N SER A 183 -19.20 2.27 -24.41
CA SER A 183 -19.50 2.88 -25.69
C SER A 183 -20.36 1.97 -26.59
N ARG A 184 -20.05 0.67 -26.58
CA ARG A 184 -20.77 -0.31 -27.40
C ARG A 184 -21.80 -1.15 -26.66
N ARG A 185 -21.90 -0.95 -25.35
CA ARG A 185 -22.84 -1.70 -24.51
C ARG A 185 -22.58 -3.20 -24.60
N THR A 186 -21.36 -3.56 -24.99
CA THR A 186 -20.96 -4.97 -25.09
C THR A 186 -20.25 -5.38 -23.80
N SER A 187 -20.35 -6.66 -23.46
CA SER A 187 -19.73 -7.13 -22.23
C SER A 187 -19.33 -8.59 -22.31
N TYR A 188 -18.16 -8.92 -21.77
CA TYR A 188 -17.62 -10.29 -21.79
C TYR A 188 -17.29 -10.79 -20.39
N ILE A 189 -17.40 -12.10 -20.18
CA ILE A 189 -17.08 -12.68 -18.88
C ILE A 189 -16.45 -14.05 -19.05
N LEU A 190 -15.59 -14.42 -18.11
CA LEU A 190 -14.89 -15.69 -18.16
C LEU A 190 -14.53 -16.10 -16.74
N SER A 191 -14.70 -17.37 -16.42
CA SER A 191 -14.42 -17.86 -15.08
C SER A 191 -13.82 -19.26 -15.08
N GLU A 192 -12.85 -19.49 -14.20
CA GLU A 192 -12.21 -20.78 -14.10
C GLU A 192 -11.64 -20.94 -12.71
N ARG A 193 -11.50 -22.18 -12.26
CA ARG A 193 -10.94 -22.46 -10.95
C ARG A 193 -9.41 -22.41 -11.02
N VAL A 194 -8.76 -21.89 -9.98
CA VAL A 194 -7.30 -21.81 -9.91
C VAL A 194 -6.85 -22.09 -8.48
N ASP A 195 -5.91 -23.02 -8.32
CA ASP A 195 -5.41 -23.35 -6.98
C ASP A 195 -4.23 -22.44 -6.71
N ILE A 196 -4.57 -21.18 -6.45
CA ILE A 196 -3.59 -20.15 -6.20
C ILE A 196 -2.39 -20.49 -5.31
N THR A 197 -2.61 -21.24 -4.24
CA THR A 197 -1.50 -21.56 -3.33
C THR A 197 -0.44 -22.42 -3.98
N ASN A 198 -0.82 -23.08 -5.05
CA ASN A 198 0.10 -23.96 -5.72
C ASN A 198 0.85 -23.32 -6.87
N GLU A 199 0.27 -22.26 -7.43
CA GLU A 199 0.87 -21.57 -8.57
C GLU A 199 1.72 -20.35 -8.23
N LEU A 200 1.42 -19.71 -7.12
CA LEU A 200 2.14 -18.50 -6.72
C LEU A 200 2.78 -18.60 -5.33
N PRO A 201 3.74 -17.69 -5.04
CA PRO A 201 4.41 -17.67 -3.72
C PRO A 201 3.49 -17.00 -2.69
N GLU A 202 3.90 -16.96 -1.43
CA GLU A 202 3.08 -16.36 -0.37
C GLU A 202 2.90 -14.87 -0.61
N TYR A 203 3.93 -14.22 -1.13
CA TYR A 203 3.92 -12.79 -1.41
C TYR A 203 4.11 -12.56 -2.89
N VAL A 204 3.38 -11.60 -3.44
CA VAL A 204 3.49 -11.30 -4.85
C VAL A 204 3.39 -9.81 -5.08
N SER A 205 3.70 -9.40 -6.30
CA SER A 205 3.61 -8.00 -6.67
C SER A 205 2.50 -7.94 -7.70
N VAL A 206 1.54 -7.03 -7.53
CA VAL A 206 0.45 -6.95 -8.49
C VAL A 206 0.58 -5.72 -9.38
N GLY A 207 0.28 -5.91 -10.66
CA GLY A 207 0.35 -4.81 -11.60
C GLY A 207 0.06 -5.23 -13.02
N PHE A 208 0.51 -4.40 -13.96
CA PHE A 208 0.33 -4.67 -15.38
C PHE A 208 1.62 -4.91 -16.15
N SER A 209 1.46 -5.51 -17.33
CA SER A 209 2.56 -5.82 -18.23
C SER A 209 2.00 -5.74 -19.65
N ALA A 210 2.65 -4.99 -20.53
CA ALA A 210 2.18 -4.90 -21.91
C ALA A 210 3.36 -4.89 -22.89
N THR A 211 3.06 -5.23 -24.15
CA THR A 211 4.06 -5.27 -25.21
C THR A 211 3.43 -4.87 -26.55
N THR A 212 4.27 -4.41 -27.46
CA THR A 212 3.79 -4.07 -28.80
C THR A 212 4.41 -5.08 -29.76
N GLY A 213 3.94 -5.08 -31.00
CA GLY A 213 4.46 -6.01 -31.99
C GLY A 213 5.92 -5.80 -32.32
N LEU A 214 6.55 -6.84 -32.85
CA LEU A 214 7.96 -6.78 -33.19
C LEU A 214 8.17 -6.21 -34.59
N SER A 215 7.08 -5.98 -35.30
CA SER A 215 7.16 -5.43 -36.64
C SER A 215 6.59 -4.01 -36.71
N GLU A 216 6.86 -3.35 -37.81
CA GLU A 216 6.43 -1.97 -38.02
C GLU A 216 4.93 -1.71 -38.07
N GLY A 217 4.16 -2.69 -38.51
CA GLY A 217 2.73 -2.49 -38.60
C GLY A 217 1.89 -3.11 -37.50
N TYR A 218 2.53 -3.68 -36.48
CA TYR A 218 1.79 -4.30 -35.38
C TYR A 218 2.02 -3.51 -34.12
N ILE A 219 1.28 -2.41 -34.00
CA ILE A 219 1.43 -1.54 -32.86
C ILE A 219 0.11 -1.02 -32.28
N GLU A 220 0.16 -0.61 -31.01
CA GLU A 220 -0.99 -0.08 -30.30
C GLU A 220 -0.49 0.52 -29.00
N THR A 221 -1.33 1.34 -28.39
CA THR A 221 -1.02 1.98 -27.12
C THR A 221 -1.68 1.21 -25.98
N HIS A 222 -1.14 1.36 -24.77
CA HIS A 222 -1.67 0.68 -23.58
C HIS A 222 -1.74 1.69 -22.42
N ASP A 223 -2.84 2.44 -22.36
CA ASP A 223 -3.00 3.42 -21.29
C ASP A 223 -3.93 2.94 -20.21
N VAL A 224 -3.46 2.98 -18.96
CA VAL A 224 -4.32 2.62 -17.86
C VAL A 224 -4.82 3.96 -17.33
N LEU A 225 -6.16 4.13 -17.34
CA LEU A 225 -6.78 5.38 -16.90
C LEU A 225 -7.13 5.44 -15.42
N SER A 226 -7.26 4.29 -14.78
CA SER A 226 -7.57 4.22 -13.35
C SER A 226 -7.35 2.80 -12.86
N TRP A 227 -7.12 2.63 -11.55
CA TRP A 227 -6.88 1.29 -11.01
C TRP A 227 -7.26 1.14 -9.53
N SER A 228 -7.97 0.06 -9.19
CA SER A 228 -8.41 -0.20 -7.82
C SER A 228 -8.00 -1.60 -7.45
N PHE A 229 -7.67 -1.80 -6.18
CA PHE A 229 -7.28 -3.12 -5.72
C PHE A 229 -7.61 -3.26 -4.26
N ALA A 230 -8.09 -4.46 -3.90
CA ALA A 230 -8.48 -4.76 -2.53
C ALA A 230 -8.20 -6.22 -2.26
N SER A 231 -7.60 -6.51 -1.12
CA SER A 231 -7.25 -7.88 -0.76
C SER A 231 -7.53 -8.08 0.72
N LYS A 232 -8.05 -9.27 1.08
CA LYS A 232 -8.36 -9.58 2.47
C LYS A 232 -7.87 -10.97 2.84
N LEU A 233 -6.98 -11.03 3.81
CA LEU A 233 -6.42 -12.31 4.25
C LEU A 233 -6.91 -12.60 5.65
N PRO A 234 -7.69 -13.69 5.81
CA PRO A 234 -8.25 -14.13 7.10
C PRO A 234 -7.21 -14.69 8.06
N ASP A 235 -7.67 -15.10 9.23
CA ASP A 235 -6.75 -15.64 10.23
C ASP A 235 -6.79 -17.16 10.23
N ASP A 236 -7.95 -17.75 10.03
CA ASP A 236 -7.99 -19.21 10.06
C ASP A 236 -8.20 -19.70 8.65
N SER A 237 -8.26 -21.00 8.51
CA SER A 237 -8.49 -21.56 7.20
C SER A 237 -9.77 -21.00 6.58
N THR A 238 -10.80 -20.85 7.39
CA THR A 238 -12.11 -20.33 6.95
C THR A 238 -12.08 -19.09 6.07
N ALA A 239 -12.17 -19.29 4.77
CA ALA A 239 -12.14 -18.20 3.81
C ALA A 239 -13.40 -17.37 3.87
N GLU A 240 -13.29 -16.12 3.44
CA GLU A 240 -14.44 -15.23 3.44
C GLU A 240 -14.43 -14.37 2.18
N PRO A 241 -15.33 -14.66 1.23
CA PRO A 241 -15.36 -13.88 -0.01
C PRO A 241 -15.52 -12.38 0.31
N LEU A 242 -15.02 -11.50 -0.56
CA LEU A 242 -15.12 -10.05 -0.34
C LEU A 242 -16.53 -9.49 -0.59
N ASP A 243 -16.71 -8.19 -0.34
CA ASP A 243 -18.01 -7.52 -0.54
C ASP A 243 -17.84 -6.64 -1.77
N LEU A 244 -18.20 -7.16 -2.93
CA LEU A 244 -18.05 -6.41 -4.16
C LEU A 244 -19.00 -5.23 -4.25
N ALA A 245 -20.14 -5.34 -3.57
CA ALA A 245 -21.13 -4.29 -3.54
C ALA A 245 -20.47 -3.02 -3.00
N SER A 246 -19.95 -3.14 -1.78
CA SER A 246 -19.29 -2.07 -1.05
C SER A 246 -17.96 -1.70 -1.68
N TYR A 247 -17.35 -2.66 -2.36
CA TYR A 247 -16.08 -2.43 -3.03
C TYR A 247 -16.27 -1.51 -4.25
N LEU A 248 -17.10 -1.89 -5.21
CA LEU A 248 -17.32 -1.08 -6.40
C LEU A 248 -17.77 0.34 -6.15
N VAL A 249 -18.71 0.53 -5.24
CA VAL A 249 -19.23 1.84 -4.94
C VAL A 249 -18.20 2.64 -4.16
N ARG A 250 -17.52 2.00 -3.23
CA ARG A 250 -16.53 2.75 -2.49
C ARG A 250 -15.25 2.97 -3.29
N ASN A 251 -15.07 2.23 -4.40
CA ASN A 251 -13.86 2.30 -5.25
C ASN A 251 -13.96 2.60 -6.77
N VAL A 252 -14.78 1.83 -7.49
CA VAL A 252 -14.91 2.02 -8.96
C VAL A 252 -15.87 3.11 -9.44
N LEU A 253 -17.13 3.00 -9.02
CA LEU A 253 -18.19 3.91 -9.41
C LEU A 253 -18.22 5.28 -8.74
N ALA B 1 -10.40 11.16 -6.96
CA ALA B 1 -9.71 11.04 -5.63
C ALA B 1 -8.82 9.78 -5.58
N ASN B 2 -7.70 9.88 -4.86
CA ASN B 2 -6.82 8.74 -4.72
C ASN B 2 -6.90 8.23 -3.28
N ILE B 3 -6.97 6.92 -3.12
CA ILE B 3 -7.08 6.37 -1.79
C ILE B 3 -6.17 5.21 -1.53
N GLN B 4 -5.56 5.21 -0.37
CA GLN B 4 -4.69 4.12 0.04
C GLN B 4 -5.05 3.79 1.47
N SER B 5 -5.02 2.51 1.79
CA SER B 5 -5.34 2.10 3.14
C SER B 5 -4.91 0.66 3.40
N PHE B 6 -4.81 0.32 4.68
CA PHE B 6 -4.42 -1.01 5.08
C PHE B 6 -4.78 -1.22 6.54
N SER B 7 -4.79 -2.48 6.94
CA SER B 7 -5.14 -2.85 8.30
C SER B 7 -4.46 -4.20 8.58
N PHE B 8 -3.51 -4.19 9.51
CA PHE B 8 -2.78 -5.40 9.88
C PHE B 8 -3.03 -5.80 11.32
N LYS B 9 -3.44 -7.05 11.51
CA LYS B 9 -3.65 -7.56 12.85
C LYS B 9 -2.51 -8.56 13.11
N ASN B 10 -1.83 -8.97 12.06
CA ASN B 10 -0.71 -9.90 12.17
C ASN B 10 0.48 -9.30 11.42
N PHE B 11 1.69 -9.48 11.93
CA PHE B 11 2.80 -8.76 11.30
C PHE B 11 3.85 -9.25 10.33
N ASN B 12 4.02 -10.55 10.19
CA ASN B 12 5.00 -11.11 9.25
C ASN B 12 4.95 -10.50 7.84
N SER B 13 6.05 -9.91 7.37
CA SER B 13 6.10 -9.38 5.99
C SER B 13 7.01 -8.27 5.51
N PRO B 14 7.23 -8.28 4.18
CA PRO B 14 8.03 -7.35 3.35
C PRO B 14 7.25 -6.09 3.09
N SER B 15 6.03 -6.03 3.61
CA SER B 15 5.20 -4.85 3.40
C SER B 15 5.70 -3.69 4.24
N PHE B 16 6.69 -3.93 5.08
CA PHE B 16 7.22 -2.87 5.92
C PHE B 16 8.70 -2.63 5.71
N ILE B 17 9.13 -1.41 6.04
CA ILE B 17 10.54 -1.05 5.91
C ILE B 17 11.02 -0.89 7.34
N LEU B 18 11.89 -1.80 7.76
CA LEU B 18 12.40 -1.75 9.12
C LEU B 18 13.78 -1.10 9.15
N GLN B 19 14.04 -0.34 10.20
CA GLN B 19 15.32 0.35 10.38
C GLN B 19 15.73 0.14 11.84
N GLY B 20 17.02 0.23 12.13
CA GLY B 20 17.48 0.06 13.49
C GLY B 20 17.23 -1.30 14.06
N ASP B 21 16.74 -1.36 15.30
CA ASP B 21 16.46 -2.62 15.98
C ASP B 21 15.02 -3.11 15.82
N ALA B 22 14.26 -2.45 14.94
CA ALA B 22 12.88 -2.84 14.71
C ALA B 22 12.89 -4.26 14.16
N THR B 23 11.96 -5.07 14.62
CA THR B 23 11.89 -6.44 14.18
C THR B 23 10.44 -6.93 14.28
N VAL B 24 10.16 -8.06 13.65
CA VAL B 24 8.84 -8.65 13.67
C VAL B 24 8.98 -10.02 14.27
N SER B 25 8.26 -10.27 15.35
CA SER B 25 8.33 -11.57 15.99
C SER B 25 7.00 -11.93 16.62
N SER B 26 6.56 -13.16 16.36
CA SER B 26 5.28 -13.62 16.89
C SER B 26 4.19 -12.76 16.31
N GLY B 27 4.42 -12.30 15.08
CA GLY B 27 3.41 -11.50 14.43
C GLY B 27 3.20 -10.10 14.98
N LYS B 28 3.93 -9.69 16.02
CA LYS B 28 3.76 -8.31 16.50
C LYS B 28 5.00 -7.50 16.10
N LEU B 29 4.83 -6.19 16.02
CA LEU B 29 5.92 -5.32 15.63
C LEU B 29 6.64 -4.80 16.86
N GLN B 30 7.90 -5.24 17.01
CA GLN B 30 8.75 -4.84 18.14
C GLN B 30 9.72 -3.76 17.69
N LEU B 31 9.42 -2.51 18.00
CA LEU B 31 10.28 -1.41 17.58
C LEU B 31 11.69 -1.33 18.18
N THR B 32 11.87 -1.79 19.42
CA THR B 32 13.19 -1.73 20.05
C THR B 32 13.72 -3.10 20.49
N LYS B 33 15.03 -3.17 20.73
CA LYS B 33 15.71 -4.40 21.14
C LYS B 33 15.27 -5.02 22.46
N VAL B 34 15.21 -6.34 22.48
CA VAL B 34 14.80 -7.09 23.66
C VAL B 34 15.73 -8.29 23.74
N LYS B 35 16.30 -8.57 24.91
CA LYS B 35 17.19 -9.74 25.06
C LYS B 35 16.29 -10.99 24.93
N GLU B 36 16.90 -12.17 24.98
CA GLU B 36 16.16 -13.42 24.84
C GLU B 36 15.13 -13.72 25.96
N ASN B 37 15.47 -13.36 27.20
CA ASN B 37 14.60 -13.58 28.35
C ASN B 37 13.47 -12.57 28.31
N GLY B 38 13.50 -11.70 27.31
CA GLY B 38 12.45 -10.72 27.14
C GLY B 38 12.65 -9.33 27.74
N ILE B 39 13.70 -9.08 28.50
CA ILE B 39 13.87 -7.75 29.07
C ILE B 39 14.38 -6.73 28.04
N PRO B 40 13.90 -5.47 28.13
CA PRO B 40 14.33 -4.44 27.18
C PRO B 40 15.80 -4.14 27.33
N THR B 41 16.34 -3.44 26.34
CA THR B 41 17.75 -3.08 26.28
C THR B 41 17.94 -1.57 26.11
N PRO B 42 18.96 -0.99 26.75
CA PRO B 42 19.27 0.45 26.67
C PRO B 42 19.86 0.93 25.34
N SER B 43 19.78 2.25 25.12
CA SER B 43 20.30 2.90 23.90
C SER B 43 19.78 2.32 22.58
N SER B 44 18.60 1.70 22.63
CA SER B 44 18.00 1.10 21.44
C SER B 44 17.27 2.12 20.56
N LEU B 45 17.07 1.75 19.30
CA LEU B 45 16.38 2.60 18.34
C LEU B 45 15.89 1.77 17.14
N GLY B 46 14.58 1.88 16.88
CA GLY B 46 13.99 1.16 15.77
C GLY B 46 12.90 1.99 15.12
N ARG B 47 12.77 1.88 13.81
CA ARG B 47 11.74 2.59 13.08
C ARG B 47 11.07 1.55 12.18
N ALA B 48 9.89 1.88 11.64
CA ALA B 48 9.17 0.96 10.78
C ALA B 48 8.16 1.74 9.96
N PHE B 49 8.20 1.58 8.64
CA PHE B 49 7.28 2.31 7.77
C PHE B 49 6.61 1.40 6.74
N TYR B 50 5.44 1.84 6.24
CA TYR B 50 4.70 1.08 5.23
C TYR B 50 5.55 1.21 3.97
N SER B 51 5.72 0.11 3.25
CA SER B 51 6.57 0.19 2.08
C SER B 51 6.07 1.09 0.97
N SER B 52 4.82 1.53 1.02
CA SER B 52 4.31 2.40 -0.04
C SER B 52 4.15 3.84 0.43
N PRO B 53 4.76 4.78 -0.31
CA PRO B 53 4.67 6.21 0.06
C PRO B 53 3.25 6.71 -0.07
N ILE B 54 2.88 7.71 0.72
CA ILE B 54 1.54 8.28 0.67
C ILE B 54 1.63 9.75 0.27
N GLN B 55 0.70 10.21 -0.54
CA GLN B 55 0.68 11.60 -0.98
C GLN B 55 -0.22 12.41 -0.05
N ILE B 56 0.40 13.30 0.70
CA ILE B 56 -0.28 14.15 1.66
C ILE B 56 -1.03 15.31 1.00
N TYR B 57 -0.56 15.73 -0.16
CA TYR B 57 -1.20 16.83 -0.87
C TYR B 57 -0.60 16.94 -2.26
N ASP B 58 -1.24 17.75 -3.11
CA ASP B 58 -0.73 17.93 -4.46
C ASP B 58 -0.59 19.42 -4.75
N LYS B 59 0.65 19.86 -4.97
CA LYS B 59 0.94 21.25 -5.25
C LYS B 59 0.19 21.76 -6.50
N SER B 60 0.19 20.97 -7.56
CA SER B 60 -0.48 21.34 -8.79
C SER B 60 -1.98 21.66 -8.63
N THR B 61 -2.72 20.76 -8.00
CA THR B 61 -4.17 20.92 -7.82
C THR B 61 -4.68 21.66 -6.59
N GLY B 62 -3.84 21.74 -5.56
CA GLY B 62 -4.25 22.43 -4.34
C GLY B 62 -5.01 21.50 -3.40
N ALA B 63 -5.07 20.22 -3.76
CA ALA B 63 -5.76 19.24 -2.95
C ALA B 63 -4.91 18.82 -1.76
N VAL B 64 -5.54 18.71 -0.60
CA VAL B 64 -4.85 18.28 0.62
C VAL B 64 -5.63 17.08 1.12
N ALA B 65 -4.89 16.02 1.48
CA ALA B 65 -5.51 14.79 1.95
C ALA B 65 -5.93 14.78 3.41
N SER B 66 -6.99 14.05 3.68
CA SER B 66 -7.51 13.88 5.04
C SER B 66 -7.15 12.42 5.31
N TRP B 67 -6.56 12.14 6.45
CA TRP B 67 -6.20 10.77 6.75
C TRP B 67 -6.49 10.39 8.20
N ALA B 68 -6.29 9.13 8.52
CA ALA B 68 -6.54 8.65 9.87
C ALA B 68 -5.84 7.32 10.11
N THR B 69 -5.36 7.12 11.33
CA THR B 69 -4.66 5.91 11.73
C THR B 69 -5.06 5.47 13.15
N SER B 70 -4.92 4.19 13.44
CA SER B 70 -5.24 3.65 14.74
C SER B 70 -4.36 2.44 14.96
N PHE B 71 -3.83 2.30 16.18
CA PHE B 71 -2.97 1.18 16.48
C PHE B 71 -2.99 0.90 17.97
N THR B 72 -2.60 -0.30 18.34
CA THR B 72 -2.56 -0.71 19.73
C THR B 72 -1.13 -1.00 20.12
N VAL B 73 -0.65 -0.27 21.13
CA VAL B 73 0.71 -0.42 21.63
C VAL B 73 0.71 -0.97 23.04
N LYS B 74 1.76 -1.71 23.38
CA LYS B 74 1.89 -2.22 24.72
C LYS B 74 3.30 -1.86 25.18
N ILE B 75 3.38 -0.94 26.15
CA ILE B 75 4.65 -0.48 26.71
C ILE B 75 4.83 -1.08 28.11
N SER B 76 5.93 -1.81 28.31
CA SER B 76 6.22 -2.46 29.59
C SER B 76 7.60 -2.15 30.10
N ALA B 77 7.69 -1.89 31.39
CA ALA B 77 8.98 -1.61 32.01
C ALA B 77 9.27 -2.68 33.05
N PRO B 78 10.51 -3.17 33.06
CA PRO B 78 10.90 -4.20 34.03
C PRO B 78 10.68 -3.75 35.47
N SER B 79 10.29 -4.71 36.29
CA SER B 79 10.01 -4.49 37.71
C SER B 79 10.39 -3.12 38.27
N LYS B 80 11.62 -3.01 38.75
CA LYS B 80 12.09 -1.78 39.37
C LYS B 80 12.71 -0.74 38.43
N ALA B 81 12.48 -0.88 37.12
CA ALA B 81 13.04 0.07 36.17
C ALA B 81 12.12 1.24 35.83
N SER B 82 12.72 2.37 35.45
CA SER B 82 11.99 3.57 35.09
C SER B 82 11.63 3.54 33.61
N PHE B 83 10.68 4.37 33.20
CA PHE B 83 10.27 4.41 31.80
C PHE B 83 11.18 5.34 30.98
N ALA B 84 11.29 5.06 29.70
CA ALA B 84 12.11 5.85 28.76
C ALA B 84 12.28 4.98 27.51
N ASP B 85 12.29 5.59 26.32
CA ASP B 85 12.14 7.04 26.15
C ASP B 85 10.80 7.41 25.54
N GLY B 86 10.18 6.45 24.84
CA GLY B 86 8.89 6.71 24.22
C GLY B 86 8.72 6.25 22.78
N ILE B 87 7.49 6.36 22.29
CA ILE B 87 7.17 5.97 20.91
C ILE B 87 6.45 7.10 20.18
N ALA B 88 6.65 7.19 18.88
CA ALA B 88 6.02 8.25 18.10
C ALA B 88 5.50 7.79 16.75
N PHE B 89 4.32 8.28 16.39
CA PHE B 89 3.78 7.96 15.07
C PHE B 89 4.32 9.12 14.22
N ALA B 90 4.98 8.81 13.11
CA ALA B 90 5.54 9.90 12.32
C ALA B 90 5.33 9.84 10.82
N LEU B 91 5.39 11.04 10.24
CA LEU B 91 5.26 11.27 8.81
C LEU B 91 6.61 11.86 8.41
N VAL B 92 7.47 11.06 7.80
CA VAL B 92 8.81 11.50 7.40
C VAL B 92 9.05 11.47 5.89
N PRO B 93 10.11 12.16 5.43
CA PRO B 93 10.42 12.18 4.00
C PRO B 93 10.72 10.74 3.56
N VAL B 94 10.33 10.41 2.34
CA VAL B 94 10.50 9.07 1.82
C VAL B 94 11.84 8.33 2.03
N GLY B 95 12.98 8.94 1.71
CA GLY B 95 14.23 8.23 1.92
C GLY B 95 14.83 8.28 3.34
N SER B 96 14.28 9.15 4.18
CA SER B 96 14.70 9.39 5.56
C SER B 96 15.42 8.26 6.35
N GLU B 97 16.45 8.66 7.09
CA GLU B 97 17.20 7.73 7.94
C GLU B 97 16.99 8.10 9.42
N PRO B 98 17.19 7.16 10.35
CA PRO B 98 16.98 7.51 11.76
C PRO B 98 17.72 8.78 12.14
N ARG B 99 17.29 9.41 13.23
CA ARG B 99 17.95 10.62 13.72
C ARG B 99 18.45 10.39 15.15
N ARG B 100 18.48 11.43 15.95
CA ARG B 100 18.99 11.28 17.32
C ARG B 100 18.24 10.27 18.20
N ASN B 101 18.99 9.46 18.93
CA ASN B 101 18.37 8.46 19.81
C ASN B 101 17.97 9.06 21.16
N GLY B 102 17.63 8.18 22.11
CA GLY B 102 17.24 8.63 23.43
C GLY B 102 15.97 9.47 23.46
N GLY B 103 16.08 10.67 24.05
CA GLY B 103 14.93 11.56 24.16
C GLY B 103 14.51 12.20 22.86
N TYR B 104 15.17 11.90 21.76
CA TYR B 104 14.82 12.47 20.47
C TYR B 104 14.00 11.49 19.65
N LEU B 105 13.68 10.36 20.29
CA LEU B 105 12.86 9.31 19.69
C LEU B 105 13.24 8.82 18.29
N GLY B 106 14.44 9.18 17.84
CA GLY B 106 14.89 8.76 16.52
C GLY B 106 14.22 9.45 15.35
N VAL B 107 13.65 10.63 15.57
CA VAL B 107 12.97 11.36 14.51
C VAL B 107 13.42 12.81 14.34
N PHE B 108 13.99 13.40 15.40
CA PHE B 108 14.43 14.80 15.36
C PHE B 108 15.85 14.99 15.86
N ASP B 109 16.45 16.10 15.46
CA ASP B 109 17.83 16.42 15.84
C ASP B 109 18.00 17.50 16.90
N SER B 110 17.00 18.37 17.06
CA SER B 110 17.08 19.44 18.05
C SER B 110 15.70 19.82 18.57
N ASP B 111 15.67 20.74 19.53
CA ASP B 111 14.42 21.20 20.11
C ASP B 111 14.09 22.59 19.57
N VAL B 112 14.71 22.96 18.46
CA VAL B 112 14.47 24.25 17.84
C VAL B 112 13.82 23.99 16.49
N TYR B 113 12.82 24.81 16.15
CA TYR B 113 12.13 24.63 14.88
C TYR B 113 13.10 24.70 13.71
N ASN B 114 13.00 23.72 12.83
CA ASN B 114 13.84 23.61 11.64
C ASN B 114 13.01 23.03 10.49
N ASN B 115 12.30 23.91 9.79
CA ASN B 115 11.43 23.54 8.68
C ASN B 115 12.02 22.49 7.73
N SER B 116 13.33 22.53 7.55
CA SER B 116 13.99 21.59 6.66
C SER B 116 14.00 20.12 7.14
N ALA B 117 13.57 19.88 8.38
CA ALA B 117 13.53 18.52 8.92
C ALA B 117 12.38 17.77 8.25
N GLN B 118 11.40 18.54 7.80
CA GLN B 118 10.20 18.04 7.12
C GLN B 118 9.66 16.79 7.81
N THR B 119 9.37 16.93 9.10
CA THR B 119 8.86 15.83 9.89
C THR B 119 7.80 16.30 10.88
N VAL B 120 6.72 15.54 10.98
CA VAL B 120 5.63 15.83 11.90
C VAL B 120 5.38 14.51 12.64
N ALA B 121 5.27 14.58 13.96
CA ALA B 121 5.06 13.35 14.71
C ALA B 121 4.13 13.52 15.89
N VAL B 122 3.41 12.46 16.22
CA VAL B 122 2.54 12.47 17.39
C VAL B 122 3.33 11.56 18.32
N GLU B 123 3.78 12.11 19.44
CA GLU B 123 4.59 11.36 20.40
C GLU B 123 3.88 10.99 21.69
N PHE B 124 4.34 9.90 22.26
CA PHE B 124 3.84 9.37 23.52
C PHE B 124 5.11 9.22 24.34
N ASP B 125 5.54 10.36 24.86
CA ASP B 125 6.74 10.57 25.66
C ASP B 125 6.65 9.99 27.07
N THR B 126 7.47 9.00 27.39
CA THR B 126 7.44 8.38 28.71
C THR B 126 8.56 8.82 29.69
N LEU B 127 9.28 9.86 29.31
CA LEU B 127 10.36 10.42 30.15
C LEU B 127 10.48 11.90 29.89
N SER B 128 10.36 12.69 30.95
CA SER B 128 10.45 14.14 30.84
C SER B 128 11.89 14.67 30.73
N ASN B 129 12.20 15.27 29.59
CA ASN B 129 13.54 15.85 29.37
C ASN B 129 13.47 17.31 29.74
N SER B 130 14.07 17.63 30.87
CA SER B 130 14.11 18.99 31.41
C SER B 130 14.31 20.13 30.39
N GLY B 131 15.09 19.89 29.35
CA GLY B 131 15.31 20.93 28.37
C GLY B 131 14.11 21.40 27.58
N TRP B 132 13.13 20.52 27.34
CA TRP B 132 11.96 20.88 26.54
C TRP B 132 10.63 20.21 26.93
N ASP B 133 10.68 19.20 27.80
CA ASP B 133 9.49 18.45 28.19
C ASP B 133 8.74 19.04 29.35
N PRO B 134 7.41 18.73 29.44
CA PRO B 134 6.57 19.21 30.54
C PRO B 134 6.95 18.27 31.69
N SER B 135 6.51 18.57 32.90
CA SER B 135 6.86 17.76 34.07
C SER B 135 6.35 16.32 34.14
N MET B 136 5.26 15.99 33.45
CA MET B 136 4.74 14.63 33.53
C MET B 136 4.86 13.89 32.20
N LYS B 137 4.45 12.62 32.18
CA LYS B 137 4.47 11.81 30.95
C LYS B 137 3.34 12.40 30.12
N HIS B 138 3.53 12.54 28.82
CA HIS B 138 2.49 13.19 28.04
C HIS B 138 2.33 12.63 26.64
N ILE B 139 1.39 13.23 25.92
CA ILE B 139 1.11 12.91 24.53
C ILE B 139 1.35 14.28 23.92
N GLY B 140 1.98 14.34 22.75
CA GLY B 140 2.24 15.65 22.17
C GLY B 140 2.36 15.62 20.67
N ILE B 141 2.10 16.78 20.07
CA ILE B 141 2.15 17.01 18.63
C ILE B 141 3.46 17.74 18.32
N ASP B 142 4.41 17.06 17.69
CA ASP B 142 5.71 17.68 17.35
C ASP B 142 5.79 18.08 15.89
N VAL B 143 6.06 19.36 15.63
CA VAL B 143 6.15 19.87 14.25
C VAL B 143 7.56 20.40 13.95
N ASN B 144 8.39 19.56 13.34
CA ASN B 144 9.77 19.89 12.98
C ASN B 144 10.67 20.25 14.16
N SER B 145 10.45 19.59 15.29
CA SER B 145 11.25 19.79 16.51
C SER B 145 10.78 18.80 17.57
N ILE B 146 11.63 18.51 18.55
CA ILE B 146 11.26 17.56 19.60
C ILE B 146 10.44 18.26 20.70
N LYS B 147 10.31 19.57 20.56
CA LYS B 147 9.54 20.36 21.52
C LYS B 147 8.12 20.49 20.98
N SER B 148 7.21 19.69 21.53
CA SER B 148 5.81 19.71 21.10
C SER B 148 5.22 21.11 21.11
N ILE B 149 4.23 21.35 20.24
CA ILE B 149 3.57 22.64 20.17
C ILE B 149 2.30 22.56 21.01
N ALA B 150 2.04 21.37 21.54
CA ALA B 150 0.87 21.13 22.39
C ALA B 150 1.00 19.76 23.02
N THR B 151 0.61 19.66 24.29
CA THR B 151 0.71 18.40 25.02
C THR B 151 -0.44 18.21 25.99
N VAL B 152 -0.55 16.99 26.50
CA VAL B 152 -1.58 16.61 27.46
C VAL B 152 -0.98 15.54 28.38
N SER B 153 -1.24 15.64 29.66
CA SER B 153 -0.72 14.66 30.61
C SER B 153 -1.28 13.30 30.24
N TRP B 154 -0.57 12.25 30.60
CA TRP B 154 -0.97 10.90 30.29
C TRP B 154 -0.49 9.94 31.39
N ASP B 155 -1.42 9.18 31.95
CA ASP B 155 -1.10 8.21 33.00
C ASP B 155 -0.87 6.83 32.40
N LEU B 156 0.37 6.57 32.03
CA LEU B 156 0.76 5.30 31.41
C LEU B 156 0.53 4.08 32.29
N ALA B 157 -0.43 3.25 31.91
CA ALA B 157 -0.74 2.02 32.64
C ALA B 157 0.29 0.96 32.23
N ASN B 158 1.30 0.72 33.06
CA ASN B 158 2.36 -0.26 32.75
C ASN B 158 1.90 -1.65 32.31
N GLY B 159 2.30 -2.05 31.10
CA GLY B 159 1.95 -3.36 30.58
C GLY B 159 0.55 -3.51 30.00
N GLU B 160 -0.33 -2.56 30.26
CA GLU B 160 -1.70 -2.62 29.75
C GLU B 160 -1.75 -2.07 28.33
N ASN B 161 -2.75 -2.50 27.57
CA ASN B 161 -2.89 -2.07 26.19
C ASN B 161 -3.33 -0.61 26.02
N ALA B 162 -2.87 0.01 24.95
CA ALA B 162 -3.20 1.39 24.63
C ALA B 162 -3.76 1.44 23.23
N GLU B 163 -4.96 2.01 23.09
CA GLU B 163 -5.60 2.15 21.80
C GLU B 163 -5.54 3.61 21.40
N ILE B 164 -4.76 3.88 20.34
CA ILE B 164 -4.57 5.23 19.81
C ILE B 164 -5.29 5.45 18.47
N LEU B 165 -5.84 6.64 18.28
CA LEU B 165 -6.52 7.01 17.03
C LEU B 165 -6.13 8.45 16.72
N ILE B 166 -5.51 8.67 15.57
CA ILE B 166 -5.06 9.99 15.15
C ILE B 166 -5.75 10.32 13.84
N THR B 167 -6.18 11.57 13.67
CA THR B 167 -6.85 11.95 12.44
C THR B 167 -6.42 13.34 12.03
N TYR B 168 -6.46 13.60 10.73
CA TYR B 168 -6.15 14.92 10.22
C TYR B 168 -7.25 15.27 9.25
N ASN B 169 -8.00 16.32 9.55
CA ASN B 169 -9.10 16.78 8.70
C ASN B 169 -8.61 17.98 7.91
N ALA B 170 -8.49 17.82 6.59
CA ALA B 170 -8.00 18.90 5.75
C ALA B 170 -8.93 20.11 5.72
N ALA B 171 -10.22 19.86 5.90
CA ALA B 171 -11.23 20.91 5.90
C ALA B 171 -11.01 21.94 6.99
N THR B 172 -10.60 21.49 8.17
CA THR B 172 -10.35 22.38 9.29
C THR B 172 -8.86 22.48 9.67
N SER B 173 -8.01 21.79 8.92
CA SER B 173 -6.56 21.77 9.19
C SER B 173 -6.26 21.32 10.61
N LEU B 174 -7.14 20.51 11.17
CA LEU B 174 -6.99 20.05 12.54
C LEU B 174 -6.46 18.65 12.71
N LEU B 175 -5.49 18.51 13.60
CA LEU B 175 -4.89 17.22 13.92
C LEU B 175 -5.38 16.86 15.32
N VAL B 176 -6.03 15.71 15.45
CA VAL B 176 -6.55 15.27 16.74
C VAL B 176 -6.00 13.89 17.05
N ALA B 177 -5.54 13.69 18.28
CA ALA B 177 -5.03 12.39 18.70
C ALA B 177 -5.71 12.03 20.01
N SER B 178 -6.06 10.77 20.17
CA SER B 178 -6.74 10.34 21.40
C SER B 178 -6.18 8.98 21.82
N LEU B 179 -6.20 8.71 23.12
CA LEU B 179 -5.67 7.46 23.66
C LEU B 179 -6.64 6.89 24.68
N VAL B 180 -6.73 5.57 24.72
CA VAL B 180 -7.63 4.92 25.66
C VAL B 180 -7.01 3.66 26.28
N HIS B 181 -7.10 3.56 27.60
CA HIS B 181 -6.59 2.40 28.32
C HIS B 181 -7.84 1.65 28.75
N PRO B 182 -8.35 0.75 27.90
CA PRO B 182 -9.56 -0.04 28.17
C PRO B 182 -9.59 -0.64 29.58
N SER B 183 -8.46 -1.21 29.95
CA SER B 183 -8.28 -1.82 31.26
C SER B 183 -8.67 -0.88 32.41
N ARG B 184 -8.29 0.40 32.32
CA ARG B 184 -8.60 1.35 33.40
C ARG B 184 -9.82 2.23 33.12
N ARG B 185 -10.31 2.20 31.89
CA ARG B 185 -11.44 3.02 31.48
C ARG B 185 -11.07 4.49 31.42
N THR B 186 -9.77 4.76 31.24
CA THR B 186 -9.26 6.12 31.16
C THR B 186 -9.09 6.51 29.70
N SER B 187 -9.21 7.80 29.40
CA SER B 187 -9.08 8.25 28.02
C SER B 187 -8.56 9.67 27.92
N TYR B 188 -7.68 9.91 26.95
CA TYR B 188 -7.08 11.23 26.75
C TYR B 188 -7.28 11.74 25.32
N ILE B 189 -7.37 13.06 25.15
CA ILE B 189 -7.52 13.62 23.83
C ILE B 189 -6.77 14.94 23.71
N LEU B 190 -6.31 15.25 22.51
CA LEU B 190 -5.55 16.47 22.26
C LEU B 190 -5.74 16.88 20.82
N SER B 191 -5.91 18.16 20.57
CA SER B 191 -6.14 18.66 19.22
C SER B 191 -5.48 19.99 18.98
N GLU B 192 -4.91 20.16 17.79
CA GLU B 192 -4.26 21.42 17.44
C GLU B 192 -4.24 21.56 15.91
N ARG B 193 -4.16 22.80 15.45
CA ARG B 193 -4.14 23.12 14.02
C ARG B 193 -2.73 23.03 13.43
N VAL B 194 -2.59 22.31 12.31
CA VAL B 194 -1.30 22.14 11.64
C VAL B 194 -1.41 22.41 10.15
N ASP B 195 -0.53 23.28 9.63
CA ASP B 195 -0.56 23.60 8.21
C ASP B 195 0.35 22.59 7.51
N ILE B 196 -0.16 21.38 7.40
CA ILE B 196 0.57 20.28 6.82
C ILE B 196 1.34 20.55 5.53
N THR B 197 0.79 21.33 4.61
CA THR B 197 1.49 21.57 3.35
C THR B 197 2.78 22.35 3.54
N ASN B 198 2.88 23.03 4.66
CA ASN B 198 4.06 23.82 4.91
C ASN B 198 5.15 23.09 5.68
N GLU B 199 4.75 22.08 6.45
CA GLU B 199 5.70 21.32 7.27
C GLU B 199 6.25 20.07 6.65
N LEU B 200 5.50 19.46 5.74
CA LEU B 200 5.92 18.21 5.11
C LEU B 200 5.97 18.28 3.59
N PRO B 201 6.68 17.31 2.95
CA PRO B 201 6.79 17.26 1.49
C PRO B 201 5.49 16.68 0.89
N GLU B 202 5.39 16.64 -0.43
CA GLU B 202 4.19 16.11 -1.08
C GLU B 202 3.99 14.62 -0.78
N TYR B 203 5.10 13.90 -0.67
CA TYR B 203 5.08 12.47 -0.40
C TYR B 203 5.81 12.18 0.91
N VAL B 204 5.26 11.28 1.71
CA VAL B 204 5.90 10.96 2.98
C VAL B 204 5.78 9.47 3.24
N SER B 205 6.50 9.01 4.24
CA SER B 205 6.45 7.62 4.64
C SER B 205 5.81 7.64 6.01
N VAL B 206 4.80 6.80 6.24
CA VAL B 206 4.17 6.79 7.55
C VAL B 206 4.53 5.53 8.34
N GLY B 207 4.77 5.72 9.64
CA GLY B 207 5.11 4.61 10.49
C GLY B 207 5.44 5.03 11.91
N PHE B 208 6.15 4.16 12.62
CA PHE B 208 6.54 4.40 14.00
C PHE B 208 8.05 4.54 14.21
N SER B 209 8.40 5.12 15.35
CA SER B 209 9.79 5.33 15.76
C SER B 209 9.82 5.27 17.27
N ALA B 210 10.71 4.47 17.84
CA ALA B 210 10.78 4.39 19.30
C ALA B 210 12.24 4.27 19.76
N THR B 211 12.48 4.60 21.03
CA THR B 211 13.81 4.57 21.61
C THR B 211 13.71 4.18 23.09
N THR B 212 14.80 3.65 23.62
CA THR B 212 14.85 3.33 25.04
C THR B 212 15.86 4.28 25.68
N GLY B 213 15.91 4.28 27.00
CA GLY B 213 16.84 5.16 27.70
C GLY B 213 18.31 4.83 27.43
N LEU B 214 19.17 5.80 27.67
CA LEU B 214 20.60 5.64 27.45
C LEU B 214 21.28 5.03 28.65
N SER B 215 20.54 4.87 29.74
CA SER B 215 21.09 4.29 30.96
C SER B 215 20.48 2.93 31.26
N GLU B 216 21.11 2.22 32.17
CA GLU B 216 20.69 0.87 32.56
C GLU B 216 19.30 0.74 33.18
N GLY B 217 18.84 1.76 33.86
CA GLY B 217 17.54 1.68 34.50
C GLY B 217 16.39 2.38 33.82
N TYR B 218 16.63 2.92 32.64
CA TYR B 218 15.59 3.60 31.88
C TYR B 218 15.24 2.82 30.64
N ILE B 219 14.45 1.77 30.83
CA ILE B 219 14.07 0.91 29.73
C ILE B 219 12.59 0.50 29.71
N GLU B 220 12.11 0.12 28.53
CA GLU B 220 10.74 -0.31 28.33
C GLU B 220 10.64 -0.92 26.94
N THR B 221 9.57 -1.67 26.71
CA THR B 221 9.33 -2.31 25.42
C THR B 221 8.35 -1.47 24.62
N HIS B 222 8.35 -1.65 23.31
CA HIS B 222 7.47 -0.92 22.40
C HIS B 222 6.87 -1.89 21.38
N ASP B 223 5.79 -2.55 21.75
CA ASP B 223 5.16 -3.51 20.84
C ASP B 223 3.91 -2.95 20.19
N VAL B 224 3.85 -3.00 18.86
CA VAL B 224 2.67 -2.55 18.18
C VAL B 224 1.90 -3.84 17.91
N LEU B 225 0.67 -3.92 18.43
CA LEU B 225 -0.17 -5.11 18.29
C LEU B 225 -1.07 -5.12 17.06
N SER B 226 -1.35 -3.95 16.49
CA SER B 226 -2.18 -3.84 15.30
C SER B 226 -2.07 -2.41 14.74
N TRP B 227 -2.35 -2.25 13.44
CA TRP B 227 -2.23 -0.92 12.82
C TRP B 227 -3.13 -0.73 11.60
N SER B 228 -3.84 0.40 11.56
CA SER B 228 -4.74 0.72 10.46
C SER B 228 -4.40 2.10 9.92
N PHE B 229 -4.58 2.29 8.62
CA PHE B 229 -4.30 3.59 8.04
C PHE B 229 -5.15 3.77 6.82
N ALA B 230 -5.65 4.99 6.65
CA ALA B 230 -6.50 5.34 5.52
C ALA B 230 -6.23 6.79 5.16
N SER B 231 -6.09 7.04 3.87
CA SER B 231 -5.80 8.39 3.38
C SER B 231 -6.61 8.66 2.12
N LYS B 232 -7.11 9.87 1.95
CA LYS B 232 -7.90 10.18 0.79
C LYS B 232 -7.44 11.52 0.27
N LEU B 233 -7.10 11.60 -1.00
CA LEU B 233 -6.64 12.84 -1.61
C LEU B 233 -7.62 13.20 -2.73
N PRO B 234 -8.32 14.35 -2.59
CA PRO B 234 -9.29 14.85 -3.56
C PRO B 234 -8.66 15.36 -4.86
N ASP B 235 -9.51 15.80 -5.77
CA ASP B 235 -9.01 16.30 -7.04
C ASP B 235 -8.93 17.82 -7.06
N ASP B 236 -9.87 18.50 -6.44
CA ASP B 236 -9.82 19.95 -6.45
C ASP B 236 -9.42 20.43 -5.09
N SER B 237 -9.34 21.73 -4.96
CA SER B 237 -8.99 22.28 -3.67
C SER B 237 -9.97 21.81 -2.59
N THR B 238 -11.25 21.74 -2.95
CA THR B 238 -12.32 21.32 -2.02
C THR B 238 -12.05 20.05 -1.20
N ALA B 239 -11.61 20.25 0.04
CA ALA B 239 -11.30 19.15 0.91
C ALA B 239 -12.54 18.41 1.35
N GLU B 240 -12.37 17.15 1.73
CA GLU B 240 -13.50 16.34 2.18
C GLU B 240 -13.06 15.47 3.36
N PRO B 241 -13.49 15.80 4.58
CA PRO B 241 -13.11 15.01 5.74
C PRO B 241 -13.49 13.54 5.53
N LEU B 242 -12.76 12.60 6.15
CA LEU B 242 -13.05 11.17 6.00
C LEU B 242 -14.29 10.71 6.77
N ASP B 243 -14.66 9.44 6.63
CA ASP B 243 -15.82 8.86 7.34
C ASP B 243 -15.27 7.94 8.41
N LEU B 244 -15.12 8.48 9.62
CA LEU B 244 -14.55 7.71 10.70
C LEU B 244 -15.49 6.59 11.18
N ALA B 245 -16.79 6.81 10.98
CA ALA B 245 -17.78 5.83 11.36
C ALA B 245 -17.49 4.51 10.62
N SER B 246 -17.48 4.62 9.29
CA SER B 246 -17.23 3.51 8.39
C SER B 246 -15.78 3.03 8.45
N TYR B 247 -14.89 3.94 8.83
CA TYR B 247 -13.47 3.60 8.97
C TYR B 247 -13.24 2.67 10.17
N LEU B 248 -13.61 3.10 11.37
CA LEU B 248 -13.41 2.29 12.56
C LEU B 248 -14.04 0.90 12.53
N VAL B 249 -15.27 0.81 12.05
CA VAL B 249 -15.96 -0.46 12.00
C VAL B 249 -15.37 -1.33 10.89
N ARG B 250 -15.08 -0.74 9.75
CA ARG B 250 -14.52 -1.58 8.72
C ARG B 250 -13.03 -1.91 8.98
N ASN B 251 -12.38 -1.14 9.88
CA ASN B 251 -10.94 -1.32 10.20
C ASN B 251 -10.47 -1.64 11.66
N VAL B 252 -10.88 -0.83 12.64
CA VAL B 252 -10.45 -1.02 14.04
C VAL B 252 -11.22 -2.05 14.87
N LEU B 253 -12.54 -1.82 14.97
CA LEU B 253 -13.44 -2.67 15.76
C LEU B 253 -13.82 -4.03 15.16
#